data_4RZ2
#
_entry.id   4RZ2
#
_cell.length_a   63.870
_cell.length_b   89.360
_cell.length_c   111.880
_cell.angle_alpha   90.00
_cell.angle_beta   90.00
_cell.angle_gamma   90.00
#
_symmetry.space_group_name_H-M   'P 21 21 21'
#
loop_
_entity.id
_entity.type
_entity.pdbx_description
1 polymer 'Site-determining protein'
2 water water
#
_entity_poly.entity_id   1
_entity_poly.type   'polypeptide(L)'
_entity_poly.pdbx_seq_one_letter_code
;MGHHHHHHMVKDQAEQLRLKLSRLRQQPSPRTIAVTSGKGGVGKSNVSLNFSLSLSKLGFRVLLLDMDIGMGNIDILLGE
SSSLALADWFSARLPLSELVKSGPEHLSYIAGGTGAAQWQGLDTASIDRFLTELQAVASQYDYLIFDMGAGASGERLYFL
KSVDDVFVVTTPEPTAMTDAYAMMKYMHAAGSEAPFSVIVNRAGKEREGYEVFERLKHVTGRFLNKDIALLGIIPEDRTV
ARAVVSQTPFVLLDPAAKASKAVRQMAFRYAPQREEGTERASRFFAKLRQLFLER
;
_entity_poly.pdbx_strand_id   A,B
#
# COMPACT_ATOMS: atom_id res chain seq x y z
N PRO A 28 -12.75 1.62 -11.38
CA PRO A 28 -13.67 1.66 -10.23
C PRO A 28 -13.24 2.67 -9.15
N SER A 29 -14.19 3.50 -8.68
CA SER A 29 -13.89 4.47 -7.64
C SER A 29 -14.62 4.23 -6.30
N PRO A 30 -13.90 4.40 -5.18
CA PRO A 30 -14.46 4.26 -3.83
C PRO A 30 -15.13 5.53 -3.39
N ARG A 31 -16.03 5.45 -2.41
CA ARG A 31 -16.55 6.67 -1.83
C ARG A 31 -15.44 7.31 -0.98
N THR A 32 -15.37 8.64 -0.97
CA THR A 32 -14.25 9.27 -0.32
C THR A 32 -14.66 10.22 0.81
N ILE A 33 -13.98 10.09 1.95
CA ILE A 33 -14.30 10.89 3.12
C ILE A 33 -13.06 11.61 3.64
N ALA A 34 -13.19 12.90 3.90
CA ALA A 34 -12.14 13.60 4.61
C ALA A 34 -12.58 13.91 6.04
N VAL A 35 -11.82 13.40 7.00
CA VAL A 35 -12.03 13.66 8.41
C VAL A 35 -11.12 14.80 8.86
N THR A 36 -11.69 15.83 9.48
CA THR A 36 -10.93 17.03 9.75
C THR A 36 -11.41 17.76 11.01
N SER A 37 -10.69 18.81 11.40
CA SER A 37 -11.11 19.67 12.50
C SER A 37 -10.49 21.04 12.27
N GLY A 38 -10.80 21.98 13.16
CA GLY A 38 -10.29 23.34 13.00
C GLY A 38 -8.87 23.49 13.51
N LYS A 39 -8.66 23.03 14.74
CA LYS A 39 -7.34 23.00 15.36
C LYS A 39 -7.23 21.66 16.08
N GLY A 40 -6.08 21.39 16.67
CA GLY A 40 -5.87 20.10 17.29
C GLY A 40 -6.67 19.86 18.56
N GLY A 41 -6.28 18.84 19.31
CA GLY A 41 -6.80 18.61 20.64
C GLY A 41 -8.27 18.26 20.69
N VAL A 42 -8.70 17.40 19.79
CA VAL A 42 -10.12 17.09 19.66
C VAL A 42 -10.34 15.58 19.56
N GLY A 43 -9.25 14.82 19.44
CA GLY A 43 -9.30 13.37 19.43
C GLY A 43 -9.56 12.80 18.05
N LYS A 44 -9.31 13.61 17.04
CA LYS A 44 -9.70 13.30 15.67
C LYS A 44 -9.13 11.97 15.12
N SER A 45 -7.81 11.81 15.14
CA SER A 45 -7.21 10.58 14.63
C SER A 45 -7.76 9.31 15.27
N ASN A 46 -8.01 9.37 16.58
CA ASN A 46 -8.62 8.24 17.28
C ASN A 46 -10.03 7.96 16.76
N VAL A 47 -10.80 9.02 16.54
CA VAL A 47 -12.12 8.89 15.92
C VAL A 47 -12.05 8.33 14.48
N SER A 48 -11.11 8.82 13.67
CA SER A 48 -10.90 8.27 12.32
C SER A 48 -10.70 6.76 12.32
N LEU A 49 -9.76 6.27 13.12
CA LEU A 49 -9.40 4.85 13.13
C LEU A 49 -10.56 3.97 13.58
N ASN A 50 -11.21 4.38 14.67
CA ASN A 50 -12.33 3.62 15.21
C ASN A 50 -13.56 3.60 14.29
N PHE A 51 -13.84 4.73 13.65
CA PHE A 51 -14.91 4.80 12.67
C PHE A 51 -14.56 3.89 11.52
N SER A 52 -13.36 4.04 10.95
CA SER A 52 -12.88 3.15 9.89
C SER A 52 -13.04 1.67 10.24
N LEU A 53 -12.69 1.24 11.40
CA LEU A 53 -12.81 -0.12 11.80
C LEU A 53 -14.21 -0.68 11.87
N SER A 54 -15.13 0.17 12.22
CA SER A 54 -16.56 -0.11 12.28
C SER A 54 -17.23 -0.42 10.98
N LEU A 55 -16.87 0.36 10.01
CA LEU A 55 -17.23 0.22 8.65
C LEU A 55 -16.70 -1.03 8.05
N SER A 56 -15.46 -1.35 8.36
CA SER A 56 -14.87 -2.60 8.05
C SER A 56 -15.59 -3.71 8.69
N LYS A 57 -15.99 -3.59 9.92
CA LYS A 57 -16.79 -4.59 10.57
C LYS A 57 -18.15 -4.86 9.99
N LEU A 58 -18.76 -3.88 9.36
CA LEU A 58 -19.94 -4.14 8.56
C LEU A 58 -19.72 -4.99 7.29
N GLY A 59 -18.51 -5.00 6.77
CA GLY A 59 -18.22 -5.75 5.56
C GLY A 59 -17.67 -4.95 4.40
N PHE A 60 -17.32 -3.70 4.65
CA PHE A 60 -16.86 -2.84 3.55
C PHE A 60 -15.34 -2.83 3.46
N ARG A 61 -14.81 -2.80 2.25
CA ARG A 61 -13.36 -2.68 2.10
C ARG A 61 -12.93 -1.22 2.38
N VAL A 62 -12.13 -1.02 3.42
CA VAL A 62 -11.79 0.35 3.81
C VAL A 62 -10.29 0.63 3.75
N LEU A 63 -9.93 1.77 3.16
CA LEU A 63 -8.55 2.23 3.15
C LEU A 63 -8.42 3.56 3.88
N LEU A 64 -7.71 3.56 5.00
CA LEU A 64 -7.44 4.75 5.79
C LEU A 64 -6.06 5.34 5.46
N LEU A 65 -6.02 6.56 4.91
CA LEU A 65 -4.74 7.24 4.64
C LEU A 65 -4.46 8.31 5.67
N ASP A 66 -3.35 8.20 6.39
CA ASP A 66 -2.99 9.24 7.35
C ASP A 66 -2.25 10.38 6.64
N MET A 67 -2.95 11.51 6.52
CA MET A 67 -2.42 12.67 5.79
C MET A 67 -1.82 13.73 6.72
N ASP A 68 -1.55 13.36 7.96
CA ASP A 68 -1.13 14.35 8.94
C ASP A 68 0.40 14.40 9.11
N ILE A 69 0.90 15.24 9.99
CA ILE A 69 2.34 15.43 10.10
C ILE A 69 2.99 14.59 11.12
N GLY A 70 2.20 13.82 11.83
CA GLY A 70 2.73 13.05 12.90
C GLY A 70 2.97 11.62 12.55
N MET A 71 4.22 11.23 12.76
CA MET A 71 4.70 9.92 12.50
C MET A 71 4.19 8.91 13.51
N GLY A 72 3.73 7.79 12.99
CA GLY A 72 3.34 6.64 13.77
C GLY A 72 1.97 6.42 14.35
N ASN A 73 1.04 7.34 14.26
CA ASN A 73 -0.21 7.25 14.96
C ASN A 73 -1.12 6.10 14.80
N ILE A 74 -1.45 5.70 13.60
CA ILE A 74 -2.33 4.59 13.41
C ILE A 74 -1.70 3.36 13.93
N ASP A 75 -0.43 3.17 13.65
CA ASP A 75 0.33 2.03 14.03
C ASP A 75 0.39 1.97 15.49
N ILE A 76 0.64 3.07 16.16
CA ILE A 76 0.69 3.07 17.59
C ILE A 76 -0.64 2.72 18.19
N LEU A 77 -1.70 3.25 17.64
CA LEU A 77 -3.01 2.98 18.11
C LEU A 77 -3.40 1.53 17.93
N LEU A 78 -2.84 0.87 16.94
CA LEU A 78 -3.08 -0.54 16.69
C LEU A 78 -2.12 -1.50 17.31
N GLY A 79 -1.13 -1.01 17.99
CA GLY A 79 -0.09 -1.80 18.61
C GLY A 79 0.96 -2.18 17.59
N GLU A 80 0.76 -1.74 16.34
CA GLU A 80 1.69 -2.01 15.26
C GLU A 80 2.96 -1.17 15.35
N SER A 81 4.10 -1.78 15.09
CA SER A 81 5.37 -1.06 15.03
C SER A 81 5.44 -0.17 13.79
N SER A 82 6.02 1.01 13.94
CA SER A 82 6.22 1.93 12.82
C SER A 82 7.21 1.33 11.82
N SER A 83 7.00 1.57 10.56
CA SER A 83 7.84 1.06 9.55
C SER A 83 7.68 1.97 8.39
N LEU A 84 6.97 1.56 7.37
CA LEU A 84 6.67 2.37 6.20
C LEU A 84 5.55 3.39 6.30
N ALA A 85 5.71 4.51 5.63
CA ALA A 85 4.74 5.57 5.68
C ALA A 85 4.67 6.37 4.43
N LEU A 86 3.62 7.10 4.26
CA LEU A 86 3.46 8.03 3.15
C LEU A 86 4.70 8.90 2.94
N ALA A 87 5.39 9.22 4.02
CA ALA A 87 6.56 10.09 3.92
C ALA A 87 7.65 9.44 3.08
N ASP A 88 7.63 8.11 3.01
CA ASP A 88 8.61 7.35 2.24
C ASP A 88 8.36 7.39 0.71
N TRP A 89 7.14 7.74 0.32
CA TRP A 89 6.83 7.95 -1.08
C TRP A 89 7.54 9.19 -1.59
N PHE A 90 7.69 10.19 -0.74
CA PHE A 90 8.38 11.42 -1.12
C PHE A 90 9.90 11.23 -1.11
N SER A 91 10.47 11.03 0.07
CA SER A 91 11.93 10.94 0.26
C SER A 91 12.64 9.86 -0.58
N ALA A 92 12.30 8.59 -0.37
CA ALA A 92 12.98 7.48 -1.05
C ALA A 92 12.24 6.96 -2.29
N ARG A 93 11.25 7.71 -2.77
CA ARG A 93 10.46 7.33 -3.93
C ARG A 93 9.90 5.88 -3.92
N LEU A 94 9.37 5.42 -2.79
CA LEU A 94 8.73 4.09 -2.75
C LEU A 94 7.39 4.11 -3.45
N PRO A 95 6.98 3.02 -4.05
CA PRO A 95 5.62 2.98 -4.54
C PRO A 95 4.61 2.98 -3.45
N LEU A 96 3.49 3.53 -3.74
CA LEU A 96 2.42 3.66 -2.81
C LEU A 96 1.88 2.32 -2.34
N SER A 97 1.80 1.36 -3.24
CA SER A 97 1.23 0.07 -3.00
C SER A 97 1.99 -0.72 -2.02
N GLU A 98 3.22 -0.35 -1.88
CA GLU A 98 4.17 -0.93 -1.00
C GLU A 98 4.00 -0.48 0.40
N LEU A 99 3.20 0.54 0.56
CA LEU A 99 3.01 1.15 1.81
C LEU A 99 1.71 0.84 2.48
N VAL A 100 0.87 0.09 1.83
CA VAL A 100 -0.40 -0.35 2.41
C VAL A 100 -0.14 -1.42 3.49
N LYS A 101 -0.70 -1.23 4.68
CA LYS A 101 -0.53 -2.20 5.75
C LYS A 101 -1.89 -2.79 6.13
N SER A 102 -1.86 -3.94 6.80
CA SER A 102 -3.10 -4.54 7.24
C SER A 102 -3.35 -4.24 8.70
N GLY A 103 -4.61 -3.90 8.99
CA GLY A 103 -5.06 -3.63 10.33
C GLY A 103 -5.97 -4.77 10.75
N PRO A 104 -6.50 -4.69 11.97
CA PRO A 104 -7.54 -5.64 12.41
C PRO A 104 -8.80 -5.50 11.55
N GLU A 105 -9.74 -6.45 11.63
CA GLU A 105 -11.00 -6.40 10.86
C GLU A 105 -10.86 -6.16 9.34
N HIS A 106 -9.78 -6.63 8.72
CA HIS A 106 -9.45 -6.33 7.31
C HIS A 106 -9.43 -4.85 6.90
N LEU A 107 -8.97 -3.99 7.81
CA LEU A 107 -8.83 -2.59 7.51
C LEU A 107 -7.47 -2.39 6.80
N SER A 108 -7.42 -1.66 5.70
CA SER A 108 -6.11 -1.27 5.15
C SER A 108 -5.74 0.16 5.55
N TYR A 109 -4.45 0.43 5.64
CA TYR A 109 -4.01 1.79 5.91
C TYR A 109 -2.62 2.11 5.38
N ILE A 110 -2.33 3.41 5.32
CA ILE A 110 -1.02 3.94 5.01
C ILE A 110 -0.71 4.98 6.08
N ALA A 111 0.45 4.88 6.72
CA ALA A 111 0.82 5.80 7.80
C ALA A 111 1.30 7.16 7.26
N GLY A 112 1.53 8.13 8.15
CA GLY A 112 1.79 9.50 7.72
C GLY A 112 3.20 10.04 7.88
N GLY A 113 3.32 11.16 8.57
CA GLY A 113 4.61 11.82 8.74
C GLY A 113 5.06 12.66 7.56
N THR A 114 4.14 13.01 6.67
CA THR A 114 4.50 13.93 5.59
C THR A 114 4.36 15.39 6.03
N GLY A 115 5.36 16.20 5.73
CA GLY A 115 5.35 17.61 6.08
C GLY A 115 4.82 18.50 4.98
N ALA A 116 4.57 19.76 5.33
CA ALA A 116 4.17 20.77 4.35
C ALA A 116 5.23 20.95 3.25
N ALA A 117 6.49 20.94 3.64
CA ALA A 117 7.56 21.11 2.67
C ALA A 117 7.52 20.04 1.58
N GLN A 118 6.93 18.88 1.87
CA GLN A 118 6.86 17.81 0.88
C GLN A 118 5.78 18.07 -0.19
N TRP A 119 4.59 18.48 0.24
CA TRP A 119 3.56 18.87 -0.71
C TRP A 119 3.93 20.09 -1.59
N GLN A 120 4.63 21.06 -1.01
CA GLN A 120 4.99 22.28 -1.74
C GLN A 120 5.97 22.02 -2.89
N GLY A 121 6.87 21.06 -2.70
CA GLY A 121 7.85 20.75 -3.74
C GLY A 121 7.40 19.87 -4.90
N LEU A 122 6.10 19.69 -5.11
CA LEU A 122 5.64 18.74 -6.12
C LEU A 122 5.58 19.20 -7.58
N ASP A 123 6.11 18.34 -8.44
CA ASP A 123 6.16 18.51 -9.89
C ASP A 123 4.78 18.23 -10.48
N THR A 124 4.51 18.74 -11.68
CA THR A 124 3.30 18.32 -12.39
C THR A 124 3.39 16.84 -12.69
N ALA A 125 4.56 16.39 -13.16
CA ALA A 125 4.73 14.97 -13.41
C ALA A 125 4.55 14.15 -12.13
N SER A 126 5.09 14.62 -11.00
CA SER A 126 5.00 13.88 -9.72
C SER A 126 3.60 13.83 -9.09
N ILE A 127 2.80 14.84 -9.35
CA ILE A 127 1.42 14.87 -8.90
C ILE A 127 0.63 13.80 -9.65
N ASP A 128 0.87 13.73 -10.97
CA ASP A 128 0.24 12.73 -11.79
C ASP A 128 0.65 11.35 -11.34
N ARG A 129 1.93 11.18 -10.99
CA ARG A 129 2.38 9.88 -10.49
C ARG A 129 1.63 9.51 -9.22
N PHE A 130 1.45 10.50 -8.34
CA PHE A 130 0.72 10.31 -7.10
C PHE A 130 -0.73 9.92 -7.35
N LEU A 131 -1.45 10.72 -8.15
CA LEU A 131 -2.87 10.46 -8.40
C LEU A 131 -3.09 9.15 -9.17
N THR A 132 -2.11 8.74 -9.96
CA THR A 132 -2.24 7.52 -10.73
C THR A 132 -1.98 6.31 -9.85
N GLU A 133 -0.99 6.42 -8.97
CA GLU A 133 -0.76 5.35 -8.02
C GLU A 133 -1.91 5.26 -7.04
N LEU A 134 -2.41 6.40 -6.59
CA LEU A 134 -3.46 6.37 -5.61
C LEU A 134 -4.72 5.76 -6.23
N GLN A 135 -5.03 6.13 -7.46
CA GLN A 135 -6.22 5.62 -8.11
C GLN A 135 -6.14 4.12 -8.33
N ALA A 136 -4.94 3.62 -8.61
CA ALA A 136 -4.77 2.19 -8.81
C ALA A 136 -5.04 1.45 -7.51
N VAL A 137 -4.37 1.87 -6.43
CA VAL A 137 -4.63 1.29 -5.11
C VAL A 137 -6.10 1.39 -4.67
N ALA A 138 -6.64 2.60 -4.68
CA ALA A 138 -8.00 2.88 -4.19
C ALA A 138 -9.13 2.17 -4.92
N SER A 139 -8.83 1.63 -6.10
CA SER A 139 -9.86 1.02 -6.94
C SER A 139 -10.34 -0.28 -6.33
N GLN A 140 -9.57 -0.79 -5.38
CA GLN A 140 -9.90 -2.06 -4.75
C GLN A 140 -10.63 -1.91 -3.41
N TYR A 141 -11.14 -0.71 -3.14
CA TYR A 141 -11.79 -0.41 -1.87
C TYR A 141 -13.16 0.24 -2.06
N ASP A 142 -14.05 0.10 -1.08
CA ASP A 142 -15.36 0.73 -1.16
C ASP A 142 -15.33 2.16 -0.62
N TYR A 143 -14.47 2.38 0.37
CA TYR A 143 -14.29 3.71 0.95
C TYR A 143 -12.83 4.05 1.09
N LEU A 144 -12.49 5.26 0.69
CA LEU A 144 -11.16 5.76 0.94
C LEU A 144 -11.29 6.93 1.94
N ILE A 145 -10.76 6.72 3.14
CA ILE A 145 -10.86 7.72 4.18
C ILE A 145 -9.55 8.47 4.44
N PHE A 146 -9.57 9.80 4.26
CA PHE A 146 -8.43 10.65 4.55
C PHE A 146 -8.49 11.23 5.97
N ASP A 147 -7.52 10.87 6.79
CA ASP A 147 -7.36 11.44 8.11
C ASP A 147 -6.51 12.73 7.99
N MET A 148 -7.18 13.86 7.71
CA MET A 148 -6.51 15.12 7.39
C MET A 148 -5.87 15.79 8.59
N GLY A 149 -4.79 16.53 8.37
CA GLY A 149 -4.22 17.40 9.39
C GLY A 149 -5.20 18.54 9.64
N ALA A 150 -5.06 19.19 10.79
CA ALA A 150 -6.00 20.26 11.17
C ALA A 150 -5.92 21.45 10.22
N GLY A 151 -7.03 22.16 10.10
CA GLY A 151 -7.09 23.34 9.26
C GLY A 151 -7.25 23.06 7.77
N ALA A 152 -7.41 24.13 6.98
CA ALA A 152 -7.57 24.00 5.54
C ALA A 152 -6.37 24.47 4.73
N SER A 153 -5.19 24.60 5.33
CA SER A 153 -4.05 25.19 4.64
C SER A 153 -3.44 24.35 3.52
N GLY A 154 -2.96 25.03 2.49
CA GLY A 154 -2.18 24.43 1.43
C GLY A 154 -2.91 23.30 0.72
N GLU A 155 -2.29 22.13 0.66
CA GLU A 155 -2.86 21.00 -0.06
C GLU A 155 -4.14 20.42 0.59
N ARG A 156 -4.34 20.66 1.89
CA ARG A 156 -5.53 20.15 2.56
C ARG A 156 -6.82 20.64 1.91
N LEU A 157 -6.82 21.89 1.51
CA LEU A 157 -7.98 22.48 0.85
C LEU A 157 -8.38 21.67 -0.38
N TYR A 158 -7.39 21.27 -1.18
CA TYR A 158 -7.65 20.47 -2.40
C TYR A 158 -8.38 19.17 -2.07
N PHE A 159 -7.88 18.45 -1.07
CA PHE A 159 -8.54 17.24 -0.63
C PHE A 159 -9.95 17.53 -0.09
N LEU A 160 -10.09 18.56 0.73
CA LEU A 160 -11.39 18.87 1.33
C LEU A 160 -12.47 19.22 0.29
N LYS A 161 -12.04 19.77 -0.85
CA LYS A 161 -12.95 20.15 -1.92
C LYS A 161 -13.14 19.06 -2.98
N SER A 162 -12.48 17.92 -2.81
CA SER A 162 -12.62 16.84 -3.78
C SER A 162 -13.44 15.65 -3.28
N VAL A 163 -13.44 15.45 -1.98
CA VAL A 163 -14.06 14.26 -1.43
C VAL A 163 -15.58 14.35 -1.53
N ASP A 164 -16.25 13.22 -1.34
CA ASP A 164 -17.71 13.14 -1.36
C ASP A 164 -18.33 13.60 -0.03
N ASP A 165 -17.64 13.36 1.08
CA ASP A 165 -18.08 13.75 2.42
C ASP A 165 -16.96 14.36 3.25
N VAL A 166 -17.31 15.32 4.10
CA VAL A 166 -16.37 15.91 5.06
C VAL A 166 -16.93 15.77 6.48
N PHE A 167 -16.18 15.08 7.33
CA PHE A 167 -16.59 14.89 8.71
C PHE A 167 -15.76 15.89 9.49
N VAL A 168 -16.40 16.81 10.20
CA VAL A 168 -15.61 17.71 11.04
C VAL A 168 -15.80 17.33 12.51
N VAL A 169 -14.67 17.08 13.17
CA VAL A 169 -14.67 16.65 14.58
C VAL A 169 -14.53 17.83 15.52
N THR A 170 -15.36 17.85 16.56
CA THR A 170 -15.32 18.95 17.51
C THR A 170 -15.58 18.46 18.94
N THR A 171 -15.37 19.33 19.92
CA THR A 171 -15.76 19.05 21.31
C THR A 171 -16.74 20.12 21.79
N PRO A 172 -17.44 19.89 22.94
CA PRO A 172 -18.41 20.90 23.39
C PRO A 172 -17.76 22.17 23.92
N GLU A 173 -16.46 22.07 24.18
CA GLU A 173 -15.63 23.20 24.59
C GLU A 173 -15.80 24.40 23.63
N PRO A 174 -16.18 25.57 24.18
CA PRO A 174 -16.55 26.70 23.34
C PRO A 174 -15.45 27.20 22.41
N THR A 175 -14.19 26.93 22.73
CA THR A 175 -13.10 27.27 21.81
C THR A 175 -13.02 26.29 20.63
N ALA A 176 -13.31 25.01 20.89
CA ALA A 176 -13.37 24.01 19.82
C ALA A 176 -14.53 24.31 18.84
N MET A 177 -15.64 24.77 19.38
CA MET A 177 -16.82 25.07 18.56
C MET A 177 -16.60 26.28 17.64
N THR A 178 -15.93 27.30 18.15
CA THR A 178 -15.63 28.48 17.37
C THR A 178 -14.70 28.12 16.22
N ASP A 179 -13.68 27.32 16.52
CA ASP A 179 -12.79 26.79 15.49
C ASP A 179 -13.48 25.87 14.48
N ALA A 180 -14.42 25.04 14.93
CA ALA A 180 -15.23 24.27 13.98
C ALA A 180 -16.03 25.17 13.02
N TYR A 181 -16.58 26.28 13.53
CA TYR A 181 -17.32 27.18 12.65
C TYR A 181 -16.41 27.86 11.61
N ALA A 182 -15.30 28.41 12.08
CA ALA A 182 -14.32 29.06 11.23
C ALA A 182 -13.92 28.12 10.12
N MET A 183 -13.75 26.86 10.49
CA MET A 183 -13.30 25.82 9.59
C MET A 183 -14.33 25.56 8.50
N MET A 184 -15.60 25.41 8.89
CA MET A 184 -16.68 25.20 7.94
C MET A 184 -16.91 26.42 7.03
N LYS A 185 -16.80 27.62 7.59
CA LYS A 185 -16.91 28.85 6.81
C LYS A 185 -15.80 28.95 5.78
N TYR A 186 -14.61 28.52 6.18
CA TYR A 186 -13.47 28.56 5.30
C TYR A 186 -13.76 27.64 4.12
N MET A 187 -13.98 26.38 4.41
CA MET A 187 -14.19 25.38 3.38
C MET A 187 -15.32 25.79 2.47
N HIS A 188 -16.37 26.38 3.05
CA HIS A 188 -17.54 26.74 2.26
C HIS A 188 -17.27 27.95 1.37
N ALA A 189 -16.70 28.99 1.96
CA ALA A 189 -16.31 30.18 1.22
C ALA A 189 -15.32 29.83 0.10
N ALA A 190 -14.50 28.81 0.31
CA ALA A 190 -13.50 28.43 -0.69
C ALA A 190 -14.07 27.52 -1.77
N GLY A 191 -15.37 27.27 -1.71
CA GLY A 191 -16.02 26.59 -2.82
C GLY A 191 -16.14 25.08 -2.71
N SER A 192 -16.00 24.54 -1.51
CA SER A 192 -16.25 23.13 -1.29
C SER A 192 -17.74 22.85 -1.32
N GLU A 193 -18.16 21.92 -2.16
CA GLU A 193 -19.58 21.58 -2.25
C GLU A 193 -19.96 20.27 -1.52
N ALA A 194 -19.04 19.74 -0.72
CA ALA A 194 -19.33 18.49 -0.02
C ALA A 194 -20.29 18.69 1.14
N PRO A 195 -21.07 17.66 1.48
CA PRO A 195 -21.84 17.73 2.73
C PRO A 195 -20.95 17.71 3.98
N PHE A 196 -21.26 18.59 4.92
CA PHE A 196 -20.53 18.65 6.17
C PHE A 196 -21.32 17.86 7.19
N SER A 197 -20.68 16.87 7.81
CA SER A 197 -21.27 16.18 8.94
C SER A 197 -20.39 16.38 10.17
N VAL A 198 -21.03 16.60 11.30
CA VAL A 198 -20.33 16.94 12.54
C VAL A 198 -20.22 15.73 13.45
N ILE A 199 -19.05 15.52 14.04
CA ILE A 199 -18.91 14.58 15.14
C ILE A 199 -18.58 15.32 16.43
N VAL A 200 -19.50 15.29 17.39
CA VAL A 200 -19.23 15.87 18.70
C VAL A 200 -18.58 14.84 19.64
N ASN A 201 -17.26 14.94 19.79
CA ASN A 201 -16.48 14.03 20.59
C ASN A 201 -16.43 14.54 22.02
N ARG A 202 -16.26 13.64 22.99
CA ARG A 202 -16.14 13.99 24.41
C ARG A 202 -17.30 14.80 24.98
N ALA A 203 -18.53 14.39 24.64
CA ALA A 203 -19.73 15.15 25.00
C ALA A 203 -20.00 15.20 26.49
N GLY A 204 -20.29 14.09 27.02
CA GLY A 204 -20.58 14.18 28.37
C GLY A 204 -22.00 14.50 28.63
N LYS A 205 -22.69 15.02 27.68
CA LYS A 205 -24.01 14.68 27.41
C LYS A 205 -24.95 15.04 28.54
N GLU A 206 -26.08 14.38 28.53
CA GLU A 206 -26.45 13.63 27.35
C GLU A 206 -26.83 14.57 26.21
N ARG A 207 -27.54 15.60 26.56
CA ARG A 207 -28.02 16.50 25.59
C ARG A 207 -27.01 17.55 25.24
N GLU A 208 -25.88 17.56 25.89
CA GLU A 208 -24.85 18.52 25.58
C GLU A 208 -24.26 18.41 24.18
N GLY A 209 -24.06 17.19 23.73
CA GLY A 209 -23.83 16.63 22.42
C GLY A 209 -24.78 17.21 21.37
N TYR A 210 -26.03 17.40 21.75
CA TYR A 210 -27.03 17.95 20.84
C TYR A 210 -27.03 19.48 20.79
N GLU A 211 -26.82 20.10 21.93
CA GLU A 211 -26.91 21.51 22.10
C GLU A 211 -25.86 22.27 21.33
N VAL A 212 -24.67 21.71 21.34
CA VAL A 212 -23.56 22.10 20.51
C VAL A 212 -23.88 21.98 19.04
N PHE A 213 -24.45 20.86 18.62
CA PHE A 213 -24.74 20.65 17.24
C PHE A 213 -25.76 21.62 16.74
N GLU A 214 -26.79 21.77 17.51
CA GLU A 214 -27.86 22.63 17.16
C GLU A 214 -27.47 24.05 17.13
N ARG A 215 -26.59 24.41 18.04
CA ARG A 215 -26.02 25.72 17.99
C ARG A 215 -25.18 25.96 16.77
N LEU A 216 -24.35 25.02 16.43
CA LEU A 216 -23.52 25.09 15.24
C LEU A 216 -24.33 25.10 14.02
N LYS A 217 -25.35 24.30 14.01
CA LYS A 217 -26.27 24.26 12.93
C LYS A 217 -27.05 25.52 12.60
N HIS A 218 -27.51 26.25 13.60
CA HIS A 218 -28.13 27.51 13.40
C HIS A 218 -27.27 28.56 12.79
N VAL A 219 -26.03 28.67 13.21
CA VAL A 219 -25.16 29.67 12.69
C VAL A 219 -24.56 29.37 11.34
N THR A 220 -24.37 28.12 10.98
CA THR A 220 -23.92 27.80 9.62
C THR A 220 -25.06 28.01 8.65
N GLY A 221 -26.27 27.69 9.09
CA GLY A 221 -27.45 27.88 8.26
C GLY A 221 -27.75 29.34 8.01
N ARG A 222 -27.67 30.14 9.07
CA ARG A 222 -27.98 31.56 8.93
C ARG A 222 -26.95 32.36 8.15
N PHE A 223 -25.65 32.14 8.40
CA PHE A 223 -24.64 33.01 7.83
C PHE A 223 -23.95 32.48 6.57
N LEU A 224 -23.99 31.17 6.37
CA LEU A 224 -23.28 30.61 5.24
C LEU A 224 -24.28 30.05 4.26
N ASN A 225 -25.51 29.90 4.72
CA ASN A 225 -26.52 29.24 3.93
C ASN A 225 -26.05 27.82 3.54
N LYS A 226 -25.42 27.17 4.52
CA LYS A 226 -24.92 25.81 4.42
C LYS A 226 -25.62 24.94 5.47
N ASP A 227 -26.26 23.88 5.00
CA ASP A 227 -26.96 22.94 5.86
C ASP A 227 -25.96 21.87 6.26
N ILE A 228 -25.92 21.54 7.56
CA ILE A 228 -24.99 20.53 8.05
C ILE A 228 -25.67 19.42 8.84
N ALA A 229 -25.15 18.20 8.71
CA ALA A 229 -25.74 17.03 9.33
C ALA A 229 -24.97 16.62 10.57
N LEU A 230 -25.62 15.92 11.50
CA LEU A 230 -24.94 15.43 12.70
C LEU A 230 -24.63 13.95 12.52
N LEU A 231 -23.37 13.62 12.34
CA LEU A 231 -23.00 12.22 12.16
C LEU A 231 -23.15 11.45 13.47
N GLY A 232 -23.00 12.11 14.61
CA GLY A 232 -23.02 11.41 15.88
C GLY A 232 -22.35 12.11 17.03
N ILE A 233 -22.68 11.66 18.23
CA ILE A 233 -22.12 12.21 19.45
C ILE A 233 -21.37 11.09 20.21
N ILE A 234 -20.10 11.32 20.53
CA ILE A 234 -19.31 10.36 21.31
C ILE A 234 -19.15 10.82 22.75
N PRO A 235 -19.72 10.06 23.69
CA PRO A 235 -19.79 10.44 25.10
C PRO A 235 -18.42 10.35 25.75
N GLU A 236 -18.17 11.16 26.79
CA GLU A 236 -16.95 11.01 27.58
C GLU A 236 -16.93 9.58 28.14
N ASP A 237 -15.81 8.89 28.00
CA ASP A 237 -15.72 7.48 28.34
C ASP A 237 -14.28 7.07 28.69
N ARG A 238 -14.13 6.47 29.87
CA ARG A 238 -12.82 6.02 30.33
C ARG A 238 -12.20 4.97 29.41
N THR A 239 -13.04 4.16 28.77
CA THR A 239 -12.57 3.14 27.84
C THR A 239 -11.63 3.73 26.76
N VAL A 240 -11.86 4.98 26.38
CA VAL A 240 -11.08 5.56 25.29
C VAL A 240 -9.63 5.72 25.69
N ALA A 241 -9.37 6.33 26.84
CA ALA A 241 -8.00 6.45 27.33
C ALA A 241 -7.37 5.08 27.60
N ARG A 242 -8.13 4.14 28.14
CA ARG A 242 -7.59 2.81 28.35
C ARG A 242 -7.17 2.23 26.98
N ALA A 243 -8.01 2.43 25.97
CA ALA A 243 -7.80 1.88 24.65
C ALA A 243 -6.51 2.41 24.02
N VAL A 244 -6.33 3.71 24.10
CA VAL A 244 -5.14 4.36 23.56
C VAL A 244 -3.86 3.92 24.28
N VAL A 245 -3.85 3.93 25.62
CA VAL A 245 -2.63 3.61 26.37
C VAL A 245 -2.27 2.15 26.24
N SER A 246 -3.27 1.29 26.07
CA SER A 246 -2.99 -0.12 25.92
C SER A 246 -2.96 -0.54 24.45
N GLN A 247 -3.15 0.43 23.56
CA GLN A 247 -2.92 0.22 22.12
C GLN A 247 -3.79 -0.88 21.50
N THR A 248 -5.09 -0.77 21.78
CA THR A 248 -6.11 -1.63 21.22
C THR A 248 -7.28 -0.68 21.09
N PRO A 249 -7.78 -0.54 19.89
CA PRO A 249 -8.79 0.42 19.56
C PRO A 249 -10.06 0.17 20.28
N PHE A 250 -10.77 1.20 20.69
CA PHE A 250 -11.80 1.07 21.69
C PHE A 250 -12.93 0.21 21.29
N VAL A 251 -13.35 0.26 20.05
CA VAL A 251 -14.36 -0.60 19.54
C VAL A 251 -13.98 -2.06 19.61
N LEU A 252 -12.80 -2.39 19.22
CA LEU A 252 -12.28 -3.72 19.39
C LEU A 252 -12.15 -4.12 20.82
N LEU A 253 -11.61 -3.25 21.64
CA LEU A 253 -11.35 -3.57 23.01
C LEU A 253 -12.56 -3.81 23.82
N ASP A 254 -13.59 -3.01 23.56
CA ASP A 254 -14.75 -3.10 24.40
C ASP A 254 -15.85 -2.69 23.60
N PRO A 255 -16.40 -3.62 22.89
CA PRO A 255 -17.47 -3.23 21.97
C PRO A 255 -18.72 -2.74 22.70
N ALA A 256 -18.84 -2.96 24.00
CA ALA A 256 -20.03 -2.54 24.75
C ALA A 256 -19.88 -1.18 25.45
N ALA A 257 -18.68 -0.61 25.46
CA ALA A 257 -18.48 0.69 26.08
C ALA A 257 -19.37 1.74 25.45
N LYS A 258 -19.62 2.83 26.17
CA LYS A 258 -20.49 3.88 25.64
C LYS A 258 -19.90 4.51 24.38
N ALA A 259 -18.58 4.72 24.36
CA ALA A 259 -17.93 5.32 23.21
C ALA A 259 -17.98 4.38 22.03
N SER A 260 -17.80 3.10 22.31
CA SER A 260 -17.80 2.10 21.24
C SER A 260 -19.16 1.97 20.57
N LYS A 261 -20.24 1.93 21.35
CA LYS A 261 -21.57 1.85 20.80
C LYS A 261 -21.86 3.05 19.90
N ALA A 262 -21.49 4.23 20.39
CA ALA A 262 -21.64 5.49 19.67
C ALA A 262 -21.00 5.47 18.28
N VAL A 263 -19.72 5.08 18.22
CA VAL A 263 -18.99 5.04 16.96
C VAL A 263 -19.52 3.95 16.04
N ARG A 264 -19.94 2.84 16.63
CA ARG A 264 -20.54 1.81 15.81
C ARG A 264 -21.83 2.30 15.18
N GLN A 265 -22.62 3.06 15.93
CA GLN A 265 -23.86 3.64 15.38
C GLN A 265 -23.62 4.64 14.26
N MET A 266 -22.54 5.41 14.35
CA MET A 266 -22.21 6.35 13.29
C MET A 266 -21.96 5.58 12.00
N ALA A 267 -21.15 4.53 12.06
CA ALA A 267 -20.86 3.77 10.85
C ALA A 267 -22.14 3.17 10.32
N PHE A 268 -22.93 2.57 11.22
CA PHE A 268 -24.19 1.95 10.83
C PHE A 268 -25.13 2.93 10.11
N ARG A 269 -25.32 4.13 10.66
CA ARG A 269 -26.17 5.15 10.06
C ARG A 269 -25.61 5.76 8.77
N TYR A 270 -24.29 5.91 8.69
CA TYR A 270 -23.67 6.51 7.52
C TYR A 270 -23.75 5.64 6.25
N ALA A 271 -23.60 4.32 6.40
CA ALA A 271 -23.32 3.47 5.23
C ALA A 271 -24.37 3.15 4.13
N PRO A 272 -25.68 3.35 4.38
CA PRO A 272 -26.50 2.91 3.23
C PRO A 272 -26.54 3.96 2.10
N ARG A 283 -16.08 10.88 -9.04
CA ARG A 283 -15.31 11.85 -9.82
C ARG A 283 -14.27 12.58 -8.96
N PHE A 284 -13.81 11.90 -7.91
CA PHE A 284 -12.87 12.45 -6.95
C PHE A 284 -11.53 12.86 -7.55
N PHE A 285 -10.93 11.96 -8.33
CA PHE A 285 -9.60 12.21 -8.87
C PHE A 285 -9.52 13.31 -9.93
N ALA A 286 -10.62 13.61 -10.60
CA ALA A 286 -10.65 14.71 -11.56
C ALA A 286 -10.51 16.05 -10.84
N LYS A 287 -11.46 16.36 -9.95
CA LYS A 287 -11.46 17.58 -9.16
C LYS A 287 -10.12 17.79 -8.45
N LEU A 288 -9.57 16.70 -7.91
CA LEU A 288 -8.30 16.77 -7.19
C LEU A 288 -7.14 17.15 -8.10
N ARG A 289 -7.09 16.56 -9.29
CA ARG A 289 -6.07 16.89 -10.29
C ARG A 289 -6.16 18.37 -10.66
N GLN A 290 -7.36 18.78 -11.04
CA GLN A 290 -7.61 20.15 -11.45
C GLN A 290 -7.15 21.16 -10.40
N LEU A 291 -7.41 20.86 -9.14
CA LEU A 291 -7.10 21.81 -8.09
C LEU A 291 -5.60 21.92 -7.84
N PHE A 292 -4.92 20.78 -7.97
CA PHE A 292 -3.49 20.72 -7.74
C PHE A 292 -2.72 21.42 -8.86
N LEU A 293 -3.31 21.44 -10.05
CA LEU A 293 -2.65 22.04 -11.21
C LEU A 293 -3.07 23.50 -11.49
N GLU A 294 -3.90 24.08 -10.60
CA GLU A 294 -4.29 25.48 -10.74
C GLU A 294 -3.24 26.40 -10.10
N ARG A 295 -2.30 26.88 -10.92
CA ARG A 295 -1.19 27.68 -10.43
C ARG A 295 -0.82 28.77 -11.44
N SER B 29 8.61 -25.74 -20.11
CA SER B 29 10.01 -25.77 -20.59
C SER B 29 10.95 -24.61 -20.14
N PRO B 30 10.40 -23.40 -19.86
CA PRO B 30 11.31 -22.37 -19.31
C PRO B 30 11.56 -22.53 -17.82
N ARG B 31 12.69 -22.01 -17.36
CA ARG B 31 12.96 -21.99 -15.93
C ARG B 31 12.19 -20.87 -15.23
N THR B 32 11.51 -21.24 -14.15
CA THR B 32 10.68 -20.32 -13.40
C THR B 32 11.32 -19.86 -12.08
N ILE B 33 11.23 -18.56 -11.83
CA ILE B 33 11.75 -17.93 -10.63
C ILE B 33 10.67 -17.06 -9.98
N ALA B 34 10.56 -17.12 -8.65
CA ALA B 34 9.71 -16.19 -7.92
C ALA B 34 10.56 -15.30 -7.02
N VAL B 35 10.47 -13.98 -7.20
CA VAL B 35 11.16 -13.03 -6.32
C VAL B 35 10.19 -12.49 -5.28
N THR B 36 10.59 -12.46 -4.01
CA THR B 36 9.68 -12.01 -2.95
C THR B 36 10.48 -11.45 -1.76
N SER B 37 9.78 -10.80 -0.83
CA SER B 37 10.37 -10.41 0.46
C SER B 37 9.40 -10.69 1.61
N GLY B 38 9.85 -10.47 2.85
CA GLY B 38 8.97 -10.62 4.00
C GLY B 38 7.99 -9.46 4.09
N LYS B 39 8.52 -8.24 4.16
CA LYS B 39 7.73 -7.02 4.10
C LYS B 39 8.31 -6.09 3.02
N GLY B 40 7.67 -4.96 2.76
CA GLY B 40 8.14 -4.06 1.72
C GLY B 40 9.31 -3.21 2.17
N GLY B 41 9.77 -2.32 1.30
CA GLY B 41 10.90 -1.46 1.60
C GLY B 41 12.31 -2.01 1.39
N VAL B 42 12.45 -3.20 0.81
CA VAL B 42 13.79 -3.74 0.53
C VAL B 42 14.32 -3.51 -0.89
N GLY B 43 13.56 -2.81 -1.74
CA GLY B 43 14.01 -2.51 -3.08
C GLY B 43 13.76 -3.64 -4.08
N LYS B 44 12.82 -4.51 -3.73
CA LYS B 44 12.59 -5.79 -4.38
C LYS B 44 12.20 -5.72 -5.85
N SER B 45 11.19 -4.93 -6.20
CA SER B 45 10.81 -4.78 -7.59
C SER B 45 11.95 -4.23 -8.42
N ASN B 46 12.74 -3.35 -7.82
CA ASN B 46 13.87 -2.77 -8.51
C ASN B 46 14.92 -3.83 -8.82
N VAL B 47 15.12 -4.75 -7.88
CA VAL B 47 16.03 -5.87 -8.09
C VAL B 47 15.50 -6.80 -9.17
N SER B 48 14.26 -7.24 -9.02
CA SER B 48 13.59 -8.08 -10.04
C SER B 48 13.81 -7.56 -11.45
N LEU B 49 13.47 -6.30 -11.68
CA LEU B 49 13.59 -5.74 -13.02
C LEU B 49 15.06 -5.72 -13.52
N ASN B 50 15.96 -5.27 -12.66
CA ASN B 50 17.35 -5.12 -13.09
C ASN B 50 18.07 -6.44 -13.29
N PHE B 51 17.71 -7.45 -12.50
CA PHE B 51 18.23 -8.79 -12.68
C PHE B 51 17.70 -9.40 -13.99
N SER B 52 16.41 -9.23 -14.25
CA SER B 52 15.83 -9.68 -15.52
C SER B 52 16.54 -9.06 -16.72
N LEU B 53 16.81 -7.75 -16.68
CA LEU B 53 17.50 -7.12 -17.79
C LEU B 53 18.91 -7.69 -17.92
N SER B 54 19.59 -7.86 -16.80
CA SER B 54 20.90 -8.47 -16.83
C SER B 54 20.92 -9.90 -17.38
N LEU B 55 19.86 -10.68 -17.13
CA LEU B 55 19.73 -12.01 -17.72
C LEU B 55 19.50 -11.88 -19.21
N SER B 56 18.63 -10.95 -19.61
CA SER B 56 18.44 -10.63 -21.01
C SER B 56 19.74 -10.32 -21.77
N LYS B 57 20.60 -9.44 -21.23
CA LYS B 57 21.80 -9.07 -21.96
C LYS B 57 22.76 -10.23 -22.17
N LEU B 58 22.63 -11.30 -21.38
CA LEU B 58 23.46 -12.48 -21.63
C LEU B 58 22.92 -13.26 -22.82
N GLY B 59 21.79 -12.81 -23.36
CA GLY B 59 21.15 -13.44 -24.51
C GLY B 59 20.12 -14.52 -24.17
N PHE B 60 19.34 -14.30 -23.12
CA PHE B 60 18.25 -15.21 -22.80
C PHE B 60 16.92 -14.50 -22.99
N ARG B 61 15.93 -15.20 -23.53
CA ARG B 61 14.58 -14.65 -23.61
C ARG B 61 13.96 -14.66 -22.19
N VAL B 62 13.58 -13.48 -21.70
CA VAL B 62 13.09 -13.32 -20.33
C VAL B 62 11.69 -12.69 -20.31
N LEU B 63 10.77 -13.33 -19.58
CA LEU B 63 9.41 -12.80 -19.37
C LEU B 63 9.11 -12.51 -17.89
N LEU B 64 8.99 -11.23 -17.58
CA LEU B 64 8.76 -10.78 -16.21
C LEU B 64 7.30 -10.45 -15.93
N LEU B 65 6.66 -11.24 -15.06
CA LEU B 65 5.25 -11.01 -14.66
C LEU B 65 5.13 -10.30 -13.31
N ASP B 66 4.38 -9.20 -13.28
CA ASP B 66 4.10 -8.49 -12.03
C ASP B 66 2.91 -9.13 -11.34
N MET B 67 3.16 -9.84 -10.24
CA MET B 67 2.11 -10.54 -9.53
C MET B 67 1.59 -9.77 -8.31
N ASP B 68 1.93 -8.48 -8.22
CA ASP B 68 1.56 -7.66 -7.07
C ASP B 68 0.42 -6.69 -7.37
N ILE B 69 -0.07 -6.03 -6.32
CA ILE B 69 -1.28 -5.22 -6.35
C ILE B 69 -1.18 -3.93 -7.17
N GLY B 70 0.02 -3.39 -7.29
CA GLY B 70 0.18 -2.07 -7.88
C GLY B 70 0.55 -2.08 -9.35
N MET B 71 -0.43 -1.85 -10.22
CA MET B 71 -0.13 -1.79 -11.65
C MET B 71 0.61 -0.51 -11.96
N GLY B 72 1.35 -0.50 -13.06
CA GLY B 72 2.15 0.66 -13.40
C GLY B 72 3.56 0.59 -12.85
N ASN B 73 3.76 -0.23 -11.80
CA ASN B 73 5.06 -0.41 -11.14
C ASN B 73 6.30 -0.55 -12.08
N ILE B 74 6.33 -1.65 -12.84
CA ILE B 74 7.38 -1.90 -13.82
C ILE B 74 7.45 -0.77 -14.84
N ASP B 75 6.28 -0.31 -15.27
CA ASP B 75 6.20 0.78 -16.24
C ASP B 75 6.88 2.06 -15.76
N ILE B 76 6.69 2.41 -14.49
CA ILE B 76 7.27 3.61 -13.92
C ILE B 76 8.79 3.54 -13.91
N LEU B 77 9.33 2.38 -13.53
CA LEU B 77 10.77 2.14 -13.58
C LEU B 77 11.34 2.20 -15.01
N LEU B 78 10.51 1.96 -16.02
CA LEU B 78 10.99 1.96 -17.41
C LEU B 78 10.77 3.26 -18.16
N GLY B 79 9.92 4.13 -17.65
CA GLY B 79 9.50 5.27 -18.40
C GLY B 79 8.51 4.96 -19.47
N GLU B 80 7.56 4.11 -19.14
CA GLU B 80 6.59 3.66 -20.10
C GLU B 80 5.26 4.11 -19.59
N SER B 81 4.41 4.55 -20.48
CA SER B 81 3.06 4.89 -20.10
C SER B 81 2.40 3.61 -19.84
N SER B 82 1.53 3.60 -18.85
CA SER B 82 0.87 2.41 -18.48
C SER B 82 -0.26 2.11 -19.41
N SER B 83 -0.42 0.88 -19.85
CA SER B 83 -1.53 0.54 -20.71
C SER B 83 -2.31 -0.67 -20.25
N LEU B 84 -1.89 -1.84 -20.67
CA LEU B 84 -2.53 -3.08 -20.35
C LEU B 84 -1.84 -3.80 -19.32
N ALA B 85 -2.54 -4.36 -18.43
CA ALA B 85 -1.95 -5.05 -17.29
C ALA B 85 -2.66 -6.39 -17.08
N LEU B 86 -2.13 -7.21 -16.18
CA LEU B 86 -2.65 -8.55 -15.95
C LEU B 86 -4.08 -8.46 -15.43
N ALA B 87 -4.38 -7.34 -14.78
CA ALA B 87 -5.71 -7.05 -14.24
C ALA B 87 -6.79 -7.06 -15.32
N ASP B 88 -6.40 -6.66 -16.53
CA ASP B 88 -7.28 -6.64 -17.69
C ASP B 88 -7.59 -8.05 -18.20
N TRP B 89 -6.90 -9.06 -17.68
CA TRP B 89 -7.20 -10.45 -18.06
C TRP B 89 -8.44 -10.93 -17.33
N PHE B 90 -8.64 -10.40 -16.13
CA PHE B 90 -9.81 -10.74 -15.32
C PHE B 90 -11.02 -9.87 -15.68
N SER B 91 -10.82 -8.56 -15.73
CA SER B 91 -11.92 -7.62 -15.89
C SER B 91 -12.38 -7.39 -17.32
N ALA B 92 -11.56 -7.74 -18.31
CA ALA B 92 -11.96 -7.50 -19.69
C ALA B 92 -11.83 -8.73 -20.57
N ARG B 93 -11.54 -9.87 -19.96
CA ARG B 93 -11.36 -11.13 -20.69
C ARG B 93 -10.49 -10.99 -21.94
N LEU B 94 -9.36 -10.32 -21.80
CA LEU B 94 -8.37 -10.21 -22.87
C LEU B 94 -7.42 -11.40 -22.80
N PRO B 95 -6.93 -11.86 -23.96
CA PRO B 95 -6.00 -13.00 -23.97
C PRO B 95 -4.65 -12.58 -23.39
N LEU B 96 -3.95 -13.46 -22.73
CA LEU B 96 -2.73 -13.14 -22.06
C LEU B 96 -1.65 -12.57 -22.93
N SER B 97 -1.56 -13.03 -24.16
CA SER B 97 -0.67 -12.60 -25.21
C SER B 97 -0.77 -11.16 -25.61
N GLU B 98 -1.96 -10.64 -25.62
CA GLU B 98 -2.19 -9.24 -25.88
C GLU B 98 -1.73 -8.38 -24.74
N LEU B 99 -1.44 -8.99 -23.60
CA LEU B 99 -1.02 -8.24 -22.45
C LEU B 99 0.47 -8.04 -22.33
N VAL B 100 1.25 -8.74 -23.11
CA VAL B 100 2.69 -8.62 -23.10
C VAL B 100 3.29 -7.36 -23.72
N LYS B 101 4.20 -6.74 -23.02
CA LYS B 101 4.80 -5.49 -23.48
C LYS B 101 6.32 -5.61 -23.69
N SER B 102 6.89 -4.69 -24.45
CA SER B 102 8.32 -4.68 -24.71
C SER B 102 9.07 -3.77 -23.76
N GLY B 103 10.10 -4.33 -23.13
CA GLY B 103 11.02 -3.55 -22.33
C GLY B 103 12.30 -3.42 -23.10
N PRO B 104 13.26 -2.66 -22.57
CA PRO B 104 14.56 -2.46 -23.22
C PRO B 104 15.33 -3.77 -23.26
N GLU B 105 16.29 -3.89 -24.17
CA GLU B 105 17.17 -5.05 -24.19
C GLU B 105 16.45 -6.38 -24.39
N HIS B 106 15.36 -6.36 -25.15
CA HIS B 106 14.59 -7.58 -25.48
C HIS B 106 13.89 -8.24 -24.29
N LEU B 107 13.60 -7.46 -23.24
CA LEU B 107 12.89 -8.00 -22.09
C LEU B 107 11.40 -7.83 -22.35
N SER B 108 10.63 -8.89 -22.10
CA SER B 108 9.17 -8.83 -22.22
C SER B 108 8.59 -8.84 -20.82
N TYR B 109 7.56 -8.04 -20.59
CA TYR B 109 6.92 -8.09 -19.29
C TYR B 109 5.41 -7.95 -19.39
N ILE B 110 4.75 -8.17 -18.25
CA ILE B 110 3.32 -7.97 -18.12
C ILE B 110 3.07 -7.23 -16.82
N ALA B 111 2.42 -6.07 -16.90
CA ALA B 111 2.15 -5.28 -15.70
C ALA B 111 1.13 -5.98 -14.80
N GLY B 112 1.01 -5.50 -13.55
CA GLY B 112 0.24 -6.21 -12.54
C GLY B 112 -1.16 -5.71 -12.27
N GLY B 113 -1.45 -5.40 -11.01
CA GLY B 113 -2.72 -4.80 -10.64
C GLY B 113 -3.79 -5.75 -10.13
N THR B 114 -3.41 -6.96 -9.76
CA THR B 114 -4.38 -7.92 -9.26
C THR B 114 -4.24 -8.14 -7.77
N GLY B 115 -5.37 -8.38 -7.10
CA GLY B 115 -5.35 -8.62 -5.67
C GLY B 115 -5.94 -9.98 -5.35
N ALA B 116 -6.21 -10.21 -4.07
CA ALA B 116 -6.77 -11.48 -3.63
C ALA B 116 -8.11 -11.76 -4.32
N ALA B 117 -8.93 -10.72 -4.49
CA ALA B 117 -10.27 -10.90 -5.05
C ALA B 117 -10.30 -11.25 -6.54
N GLN B 118 -9.19 -11.07 -7.26
CA GLN B 118 -9.16 -11.52 -8.65
C GLN B 118 -8.93 -13.00 -8.70
N TRP B 119 -8.02 -13.47 -7.85
CA TRP B 119 -7.65 -14.88 -7.88
C TRP B 119 -8.69 -15.81 -7.24
N GLN B 120 -9.30 -15.41 -6.13
CA GLN B 120 -10.30 -16.27 -5.51
C GLN B 120 -11.59 -16.35 -6.35
N GLY B 121 -11.78 -15.39 -7.25
CA GLY B 121 -12.99 -15.34 -8.05
C GLY B 121 -12.96 -16.19 -9.30
N LEU B 122 -11.97 -17.07 -9.39
CA LEU B 122 -11.78 -17.89 -10.59
C LEU B 122 -12.43 -19.27 -10.45
N ASP B 123 -13.33 -19.58 -11.37
CA ASP B 123 -13.87 -20.94 -11.50
C ASP B 123 -12.85 -21.86 -12.18
N THR B 124 -13.07 -23.17 -12.04
CA THR B 124 -12.23 -24.20 -12.63
C THR B 124 -11.90 -23.94 -14.09
N ALA B 125 -12.89 -23.64 -14.91
CA ALA B 125 -12.67 -23.38 -16.33
C ALA B 125 -11.73 -22.21 -16.57
N SER B 126 -11.88 -21.13 -15.81
CA SER B 126 -11.02 -19.96 -16.03
C SER B 126 -9.58 -20.22 -15.57
N ILE B 127 -9.42 -21.13 -14.63
CA ILE B 127 -8.10 -21.52 -14.20
C ILE B 127 -7.38 -22.29 -15.31
N ASP B 128 -8.09 -23.22 -15.96
CA ASP B 128 -7.54 -23.92 -17.10
C ASP B 128 -7.12 -22.95 -18.20
N ARG B 129 -7.90 -21.89 -18.39
CA ARG B 129 -7.64 -20.99 -19.50
C ARG B 129 -6.40 -20.15 -19.21
N PHE B 130 -6.32 -19.65 -17.98
CA PHE B 130 -5.14 -18.93 -17.53
C PHE B 130 -3.87 -19.78 -17.69
N LEU B 131 -3.87 -20.98 -17.12
CA LEU B 131 -2.73 -21.89 -17.18
C LEU B 131 -2.32 -22.30 -18.59
N THR B 132 -3.30 -22.43 -19.48
CA THR B 132 -3.06 -22.79 -20.87
C THR B 132 -2.47 -21.61 -21.62
N GLU B 133 -3.07 -20.44 -21.46
CA GLU B 133 -2.57 -19.26 -22.13
C GLU B 133 -1.15 -18.97 -21.68
N LEU B 134 -0.92 -19.10 -20.38
CA LEU B 134 0.38 -18.79 -19.80
C LEU B 134 1.44 -19.75 -20.32
N GLN B 135 1.10 -21.03 -20.40
CA GLN B 135 2.04 -22.03 -20.90
C GLN B 135 2.36 -21.81 -22.38
N ALA B 136 1.37 -21.40 -23.15
CA ALA B 136 1.59 -21.08 -24.56
C ALA B 136 2.53 -19.88 -24.72
N VAL B 137 2.32 -18.86 -23.90
CA VAL B 137 3.14 -17.65 -23.92
C VAL B 137 4.56 -17.96 -23.41
N ALA B 138 4.65 -18.72 -22.33
CA ALA B 138 5.90 -19.02 -21.65
C ALA B 138 6.81 -19.97 -22.40
N SER B 139 6.26 -20.73 -23.35
CA SER B 139 7.06 -21.67 -24.12
C SER B 139 8.02 -20.95 -25.07
N GLN B 140 7.88 -19.63 -25.21
CA GLN B 140 8.73 -18.83 -26.09
C GLN B 140 9.81 -18.04 -25.36
N TYR B 141 10.20 -18.52 -24.17
CA TYR B 141 11.17 -17.85 -23.31
C TYR B 141 12.02 -18.87 -22.57
N ASP B 142 13.16 -18.43 -22.03
CA ASP B 142 14.05 -19.34 -21.29
C ASP B 142 13.81 -19.19 -19.80
N TYR B 143 13.48 -17.98 -19.40
CA TYR B 143 13.20 -17.69 -18.00
C TYR B 143 11.87 -16.96 -17.84
N LEU B 144 11.02 -17.48 -16.95
CA LEU B 144 9.78 -16.82 -16.56
C LEU B 144 9.94 -16.36 -15.12
N ILE B 145 9.93 -15.04 -14.90
CA ILE B 145 10.18 -14.50 -13.56
C ILE B 145 8.97 -13.81 -12.94
N PHE B 146 8.55 -14.33 -11.79
CA PHE B 146 7.39 -13.81 -11.10
C PHE B 146 7.79 -12.84 -10.01
N ASP B 147 7.49 -11.56 -10.20
CA ASP B 147 7.68 -10.53 -9.18
C ASP B 147 6.53 -10.58 -8.16
N MET B 148 6.69 -11.38 -7.10
CA MET B 148 5.60 -11.59 -6.11
C MET B 148 5.47 -10.45 -5.08
N GLY B 149 4.26 -10.24 -4.56
CA GLY B 149 4.08 -9.32 -3.45
C GLY B 149 4.71 -9.89 -2.21
N ALA B 150 5.13 -9.01 -1.30
CA ALA B 150 5.65 -9.42 0.01
C ALA B 150 4.60 -10.23 0.76
N GLY B 151 5.03 -11.23 1.53
CA GLY B 151 4.10 -12.09 2.24
C GLY B 151 3.34 -13.02 1.31
N ALA B 152 3.02 -14.21 1.79
CA ALA B 152 2.47 -15.24 0.93
C ALA B 152 1.04 -15.66 1.29
N SER B 153 0.08 -14.81 0.98
CA SER B 153 -1.31 -15.10 1.33
C SER B 153 -2.06 -15.75 0.17
N GLY B 154 -2.82 -16.79 0.49
CA GLY B 154 -3.75 -17.37 -0.47
C GLY B 154 -3.13 -17.95 -1.71
N GLU B 155 -3.43 -17.31 -2.85
CA GLU B 155 -3.02 -17.78 -4.16
C GLU B 155 -1.54 -17.56 -4.47
N ARG B 156 -0.93 -16.58 -3.83
CA ARG B 156 0.49 -16.29 -3.99
C ARG B 156 1.24 -17.57 -3.73
N LEU B 157 0.93 -18.16 -2.59
CA LEU B 157 1.58 -19.35 -2.11
C LEU B 157 1.67 -20.46 -3.16
N TYR B 158 0.64 -20.59 -4.01
CA TYR B 158 0.63 -21.59 -5.09
C TYR B 158 1.81 -21.41 -6.06
N PHE B 159 2.07 -20.16 -6.42
CA PHE B 159 3.16 -19.85 -7.32
C PHE B 159 4.51 -20.08 -6.65
N LEU B 160 4.61 -19.76 -5.37
CA LEU B 160 5.87 -19.88 -4.67
C LEU B 160 6.27 -21.34 -4.49
N LYS B 161 5.26 -22.22 -4.54
CA LYS B 161 5.43 -23.66 -4.31
C LYS B 161 5.74 -24.43 -5.60
N SER B 162 5.69 -23.73 -6.74
CA SER B 162 5.81 -24.38 -8.04
C SER B 162 7.04 -23.96 -8.84
N VAL B 163 7.61 -22.81 -8.50
CA VAL B 163 8.76 -22.30 -9.25
C VAL B 163 10.02 -23.11 -8.95
N ASP B 164 10.98 -23.07 -9.86
CA ASP B 164 12.20 -23.84 -9.67
C ASP B 164 13.16 -23.13 -8.70
N ASP B 165 13.01 -21.82 -8.57
CA ASP B 165 13.84 -21.04 -7.64
C ASP B 165 13.07 -19.96 -6.94
N VAL B 166 13.32 -19.76 -5.65
CA VAL B 166 12.70 -18.65 -4.95
C VAL B 166 13.79 -17.73 -4.43
N PHE B 167 13.83 -16.50 -4.96
CA PHE B 167 14.77 -15.49 -4.49
C PHE B 167 14.11 -14.72 -3.35
N VAL B 168 14.78 -14.62 -2.22
CA VAL B 168 14.30 -13.78 -1.13
C VAL B 168 15.18 -12.53 -1.01
N VAL B 169 14.59 -11.35 -1.19
CA VAL B 169 15.34 -10.09 -1.08
C VAL B 169 15.29 -9.61 0.37
N THR B 170 16.44 -9.17 0.88
CA THR B 170 16.50 -8.58 2.23
C THR B 170 17.52 -7.45 2.28
N THR B 171 17.64 -6.77 3.43
CA THR B 171 18.73 -5.81 3.64
C THR B 171 19.43 -6.17 4.94
N PRO B 172 20.62 -5.61 5.19
CA PRO B 172 21.30 -5.91 6.47
C PRO B 172 20.72 -5.15 7.67
N GLU B 173 19.67 -4.38 7.45
CA GLU B 173 18.92 -3.75 8.52
C GLU B 173 18.34 -4.84 9.38
N PRO B 174 18.64 -4.80 10.69
CA PRO B 174 18.33 -5.90 11.62
C PRO B 174 16.86 -6.34 11.63
N THR B 175 15.94 -5.40 11.46
CA THR B 175 14.53 -5.77 11.39
C THR B 175 14.14 -6.42 10.06
N ALA B 176 14.85 -6.07 8.99
CA ALA B 176 14.60 -6.68 7.68
C ALA B 176 15.06 -8.15 7.65
N MET B 177 16.14 -8.42 8.37
CA MET B 177 16.66 -9.76 8.54
C MET B 177 15.65 -10.69 9.23
N THR B 178 15.02 -10.17 10.27
CA THR B 178 13.98 -10.85 11.02
C THR B 178 12.83 -11.30 10.12
N ASP B 179 12.37 -10.39 9.26
CA ASP B 179 11.22 -10.64 8.38
C ASP B 179 11.55 -11.59 7.24
N ALA B 180 12.75 -11.47 6.68
CA ALA B 180 13.25 -12.45 5.75
C ALA B 180 13.16 -13.87 6.33
N TYR B 181 13.61 -14.04 7.57
CA TYR B 181 13.56 -15.36 8.20
C TYR B 181 12.11 -15.86 8.35
N ALA B 182 11.26 -15.03 8.93
CA ALA B 182 9.85 -15.35 9.09
C ALA B 182 9.22 -15.78 7.77
N MET B 183 9.54 -15.05 6.70
CA MET B 183 9.07 -15.38 5.34
C MET B 183 9.50 -16.78 4.94
N MET B 184 10.76 -17.11 5.20
CA MET B 184 11.27 -18.43 4.87
C MET B 184 10.59 -19.51 5.71
N LYS B 185 10.36 -19.22 6.99
CA LYS B 185 9.68 -20.14 7.89
C LYS B 185 8.25 -20.38 7.41
N TYR B 186 7.56 -19.29 7.04
CA TYR B 186 6.21 -19.32 6.50
C TYR B 186 6.09 -20.14 5.21
N MET B 187 7.02 -19.95 4.28
CA MET B 187 6.97 -20.70 3.03
C MET B 187 7.30 -22.17 3.28
N HIS B 188 8.23 -22.44 4.20
CA HIS B 188 8.58 -23.80 4.56
C HIS B 188 7.42 -24.51 5.26
N ALA B 189 6.77 -23.80 6.18
CA ALA B 189 5.60 -24.33 6.87
C ALA B 189 4.51 -24.77 5.89
N ALA B 190 4.34 -24.01 4.82
CA ALA B 190 3.29 -24.27 3.85
C ALA B 190 3.68 -25.36 2.87
N GLY B 191 4.84 -25.97 3.08
CA GLY B 191 5.31 -27.06 2.25
C GLY B 191 5.97 -26.68 0.94
N SER B 192 6.67 -25.56 0.88
CA SER B 192 7.37 -25.22 -0.34
C SER B 192 8.70 -25.93 -0.41
N GLU B 193 8.84 -26.78 -1.41
CA GLU B 193 10.07 -27.53 -1.59
C GLU B 193 10.99 -26.93 -2.67
N ALA B 194 10.93 -25.61 -2.84
CA ALA B 194 11.81 -24.96 -3.79
C ALA B 194 13.02 -24.44 -3.06
N PRO B 195 14.20 -24.48 -3.72
CA PRO B 195 15.40 -23.95 -3.03
C PRO B 195 15.37 -22.42 -2.87
N PHE B 196 15.64 -21.95 -1.65
CA PHE B 196 15.64 -20.52 -1.37
C PHE B 196 17.04 -19.93 -1.55
N SER B 197 17.17 -18.88 -2.36
CA SER B 197 18.41 -18.12 -2.45
C SER B 197 18.11 -16.73 -1.96
N VAL B 198 18.98 -16.15 -1.14
CA VAL B 198 18.75 -14.77 -0.71
C VAL B 198 19.61 -13.75 -1.47
N ILE B 199 19.02 -12.57 -1.69
CA ILE B 199 19.74 -11.43 -2.22
C ILE B 199 19.84 -10.43 -1.09
N VAL B 200 21.05 -10.08 -0.67
CA VAL B 200 21.22 -9.03 0.34
C VAL B 200 21.40 -7.68 -0.36
N ASN B 201 20.38 -6.84 -0.32
CA ASN B 201 20.42 -5.55 -1.00
C ASN B 201 20.79 -4.40 -0.04
N ARG B 202 21.31 -3.31 -0.53
CA ARG B 202 21.71 -2.17 0.27
C ARG B 202 22.78 -2.43 1.26
N ALA B 203 23.68 -3.31 0.93
CA ALA B 203 24.80 -3.62 1.73
C ALA B 203 25.81 -2.52 1.74
N GLY B 204 26.61 -2.53 2.76
CA GLY B 204 27.67 -1.59 2.94
C GLY B 204 28.99 -2.26 2.85
N LYS B 205 28.97 -3.57 2.98
CA LYS B 205 29.86 -4.51 2.34
C LYS B 205 31.18 -4.28 2.99
N GLU B 206 32.20 -4.92 2.48
CA GLU B 206 32.12 -6.10 1.68
C GLU B 206 31.61 -7.18 2.56
N ARG B 207 32.02 -7.15 3.80
CA ARG B 207 31.77 -8.25 4.66
C ARG B 207 30.53 -8.30 5.40
N GLU B 208 29.79 -7.25 5.33
CA GLU B 208 28.50 -7.06 5.99
C GLU B 208 27.48 -8.00 5.39
N GLY B 209 27.46 -8.05 4.06
CA GLY B 209 26.48 -8.85 3.36
C GLY B 209 26.68 -10.32 3.69
N TYR B 210 27.93 -10.78 3.63
CA TYR B 210 28.25 -12.16 3.96
C TYR B 210 27.86 -12.51 5.41
N GLU B 211 28.12 -11.58 6.34
CA GLU B 211 27.74 -11.77 7.74
C GLU B 211 26.23 -11.87 7.86
N VAL B 212 25.51 -11.06 7.09
CA VAL B 212 24.06 -11.14 7.10
C VAL B 212 23.58 -12.48 6.59
N PHE B 213 24.10 -12.91 5.45
CA PHE B 213 23.72 -14.21 4.94
C PHE B 213 24.10 -15.37 5.87
N GLU B 214 25.22 -15.24 6.59
CA GLU B 214 25.61 -16.29 7.51
C GLU B 214 24.65 -16.47 8.69
N ARG B 215 24.19 -15.38 9.30
CA ARG B 215 23.17 -15.46 10.34
C ARG B 215 21.90 -16.10 9.80
N LEU B 216 21.48 -15.69 8.60
CA LEU B 216 20.32 -16.28 7.96
C LEU B 216 20.43 -17.79 7.73
N LYS B 217 21.58 -18.23 7.18
CA LYS B 217 21.79 -19.63 6.81
C LYS B 217 21.83 -20.47 8.06
N HIS B 218 22.34 -19.87 9.13
CA HIS B 218 22.46 -20.57 10.40
C HIS B 218 21.11 -20.88 10.98
N VAL B 219 20.37 -19.84 11.35
CA VAL B 219 19.04 -19.99 11.96
C VAL B 219 18.04 -20.79 11.09
N THR B 220 18.15 -20.71 9.77
CA THR B 220 17.27 -21.48 8.89
C THR B 220 17.63 -22.97 8.86
N GLY B 221 18.91 -23.29 8.69
CA GLY B 221 19.37 -24.67 8.74
C GLY B 221 19.03 -25.38 10.03
N ARG B 222 19.18 -24.68 11.16
CA ARG B 222 18.89 -25.25 12.46
C ARG B 222 17.41 -25.56 12.65
N PHE B 223 16.60 -24.50 12.76
CA PHE B 223 15.22 -24.63 13.19
C PHE B 223 14.26 -25.14 12.11
N LEU B 224 14.66 -25.02 10.84
CA LEU B 224 13.79 -25.43 9.73
C LEU B 224 14.35 -26.64 8.98
N ASN B 225 15.61 -26.99 9.26
CA ASN B 225 16.31 -28.03 8.51
C ASN B 225 16.32 -27.69 7.02
N LYS B 226 16.46 -26.40 6.72
CA LYS B 226 16.45 -25.86 5.35
C LYS B 226 17.79 -25.21 4.98
N ASP B 227 18.34 -25.62 3.83
CA ASP B 227 19.62 -25.09 3.36
C ASP B 227 19.43 -23.98 2.31
N ILE B 228 19.99 -22.80 2.57
CA ILE B 228 19.81 -21.69 1.65
C ILE B 228 21.11 -21.27 0.97
N ALA B 229 20.96 -20.67 -0.22
CA ALA B 229 22.10 -20.20 -1.00
C ALA B 229 22.15 -18.67 -1.07
N LEU B 230 23.35 -18.12 -1.26
CA LEU B 230 23.52 -16.69 -1.46
C LEU B 230 23.55 -16.38 -2.97
N LEU B 231 22.48 -15.79 -3.49
CA LEU B 231 22.51 -15.37 -4.88
C LEU B 231 23.51 -14.24 -5.00
N GLY B 232 23.44 -13.27 -4.11
CA GLY B 232 24.26 -12.09 -4.29
C GLY B 232 24.10 -10.96 -3.30
N ILE B 233 25.08 -10.07 -3.30
CA ILE B 233 25.10 -8.92 -2.41
C ILE B 233 25.16 -7.64 -3.25
N ILE B 234 24.09 -6.85 -3.23
CA ILE B 234 24.09 -5.60 -3.98
C ILE B 234 24.41 -4.44 -3.06
N PRO B 235 25.55 -3.77 -3.31
CA PRO B 235 25.96 -2.66 -2.44
C PRO B 235 25.05 -1.43 -2.53
N GLU B 236 25.05 -0.64 -1.46
CA GLU B 236 24.38 0.66 -1.48
C GLU B 236 25.03 1.55 -2.54
N ASP B 237 24.20 2.18 -3.38
CA ASP B 237 24.67 2.95 -4.50
C ASP B 237 23.67 4.06 -4.79
N ARG B 238 24.11 5.32 -4.69
CA ARG B 238 23.27 6.46 -5.07
C ARG B 238 22.66 6.32 -6.48
N THR B 239 23.29 5.53 -7.36
CA THR B 239 22.81 5.34 -8.72
C THR B 239 21.44 4.67 -8.78
N VAL B 240 21.18 3.75 -7.84
CA VAL B 240 19.89 3.09 -7.80
C VAL B 240 18.76 4.10 -7.60
N ALA B 241 18.92 5.02 -6.66
CA ALA B 241 17.94 6.08 -6.44
C ALA B 241 17.80 6.99 -7.66
N ARG B 242 18.95 7.36 -8.24
CA ARG B 242 18.98 8.19 -9.44
C ARG B 242 18.23 7.51 -10.57
N ALA B 243 18.33 6.19 -10.63
CA ALA B 243 17.64 5.39 -11.64
C ALA B 243 16.13 5.44 -11.50
N VAL B 244 15.64 5.49 -10.27
CA VAL B 244 14.20 5.51 -10.03
C VAL B 244 13.58 6.86 -10.39
N VAL B 245 14.34 7.95 -10.22
CA VAL B 245 13.82 9.30 -10.48
C VAL B 245 13.85 9.68 -11.96
N SER B 246 14.94 9.33 -12.64
CA SER B 246 14.88 9.23 -14.08
C SER B 246 13.99 8.04 -14.25
N GLN B 247 13.71 7.62 -15.46
CA GLN B 247 13.00 6.37 -15.51
C GLN B 247 13.76 5.43 -16.40
N THR B 248 14.91 5.02 -15.86
CA THR B 248 15.85 4.17 -16.56
C THR B 248 16.42 3.22 -15.53
N PRO B 249 16.25 1.90 -15.75
CA PRO B 249 16.83 0.88 -14.86
C PRO B 249 18.32 1.10 -14.65
N PHE B 250 18.81 0.98 -13.41
CA PHE B 250 20.20 1.32 -13.12
C PHE B 250 21.27 0.54 -13.90
N VAL B 251 20.98 -0.69 -14.32
CA VAL B 251 21.98 -1.41 -15.13
C VAL B 251 22.17 -0.82 -16.53
N LEU B 252 21.16 -0.11 -17.02
CA LEU B 252 21.25 0.61 -18.29
C LEU B 252 21.70 2.05 -18.13
N LEU B 253 21.36 2.69 -17.01
CA LEU B 253 21.70 4.09 -16.79
C LEU B 253 23.22 4.26 -16.66
N ASP B 254 23.77 3.62 -15.64
CA ASP B 254 25.21 3.52 -15.48
C ASP B 254 25.59 2.05 -15.25
N PRO B 255 25.77 1.31 -16.34
CA PRO B 255 26.19 -0.09 -16.23
C PRO B 255 27.47 -0.27 -15.42
N ALA B 256 28.32 0.76 -15.33
CA ALA B 256 29.56 0.67 -14.55
C ALA B 256 29.43 0.98 -13.05
N ALA B 257 28.20 1.24 -12.58
CA ALA B 257 27.98 1.52 -11.16
C ALA B 257 28.15 0.27 -10.30
N LYS B 258 28.54 0.44 -9.03
CA LYS B 258 28.78 -0.68 -8.13
C LYS B 258 27.64 -1.68 -8.09
N ALA B 259 26.41 -1.17 -8.03
CA ALA B 259 25.22 -1.98 -7.85
C ALA B 259 24.82 -2.61 -9.17
N SER B 260 25.01 -1.88 -10.26
CA SER B 260 24.79 -2.43 -11.58
C SER B 260 25.72 -3.61 -11.80
N LYS B 261 26.99 -3.44 -11.46
CA LYS B 261 28.00 -4.48 -11.67
C LYS B 261 27.74 -5.69 -10.79
N ALA B 262 27.14 -5.47 -9.62
CA ALA B 262 26.85 -6.55 -8.70
C ALA B 262 25.72 -7.41 -9.26
N VAL B 263 24.70 -6.73 -9.81
CA VAL B 263 23.54 -7.39 -10.36
C VAL B 263 23.85 -8.16 -11.63
N ARG B 264 24.64 -7.55 -12.51
CA ARG B 264 25.16 -8.28 -13.64
C ARG B 264 25.93 -9.51 -13.21
N GLN B 265 26.78 -9.38 -12.19
CA GLN B 265 27.55 -10.54 -11.73
C GLN B 265 26.65 -11.63 -11.16
N MET B 266 25.60 -11.21 -10.44
CA MET B 266 24.55 -12.11 -9.99
C MET B 266 23.94 -12.86 -11.16
N ALA B 267 23.53 -12.15 -12.20
CA ALA B 267 22.85 -12.80 -13.29
C ALA B 267 23.77 -13.81 -13.95
N PHE B 268 25.02 -13.39 -14.20
CA PHE B 268 26.01 -14.31 -14.79
C PHE B 268 26.23 -15.61 -14.01
N ARG B 269 26.38 -15.51 -12.70
CA ARG B 269 26.50 -16.68 -11.83
C ARG B 269 25.25 -17.60 -11.87
N TYR B 270 24.06 -17.03 -12.06
CA TYR B 270 22.85 -17.85 -12.09
C TYR B 270 22.73 -18.68 -13.36
N ALA B 271 23.10 -18.10 -14.49
CA ALA B 271 23.07 -18.79 -15.80
C ALA B 271 23.82 -20.12 -15.82
N PRO B 272 23.37 -21.06 -16.67
CA PRO B 272 24.06 -22.33 -16.86
C PRO B 272 25.33 -22.16 -17.71
N ARG B 283 8.95 -28.49 -14.78
CA ARG B 283 7.78 -29.16 -14.20
C ARG B 283 6.90 -28.20 -13.39
N PHE B 284 7.11 -26.90 -13.61
CA PHE B 284 6.44 -25.84 -12.86
C PHE B 284 4.93 -25.85 -13.08
N PHE B 285 4.50 -26.16 -14.30
CA PHE B 285 3.08 -26.18 -14.60
C PHE B 285 2.35 -27.38 -14.00
N ALA B 286 3.03 -28.52 -13.89
CA ALA B 286 2.38 -29.69 -13.28
C ALA B 286 1.99 -29.40 -11.83
N LYS B 287 2.92 -28.85 -11.06
CA LYS B 287 2.67 -28.48 -9.67
C LYS B 287 1.61 -27.37 -9.57
N LEU B 288 1.63 -26.44 -10.51
CA LEU B 288 0.68 -25.31 -10.47
C LEU B 288 -0.78 -25.73 -10.72
N ARG B 289 -1.01 -26.65 -11.67
CA ARG B 289 -2.35 -27.22 -11.87
C ARG B 289 -2.75 -28.01 -10.64
N GLN B 290 -1.93 -28.99 -10.28
CA GLN B 290 -2.15 -29.83 -9.10
C GLN B 290 -2.51 -29.04 -7.84
N LEU B 291 -1.83 -27.90 -7.63
CA LEU B 291 -2.13 -27.06 -6.46
C LEU B 291 -3.46 -26.32 -6.58
N PHE B 292 -3.89 -26.06 -7.82
CA PHE B 292 -5.12 -25.32 -8.09
C PHE B 292 -6.36 -26.22 -7.98
N LEU B 293 -6.15 -27.53 -8.11
CA LEU B 293 -7.21 -28.50 -7.90
C LEU B 293 -7.16 -29.06 -6.46
N GLU B 294 -6.40 -28.39 -5.61
CA GLU B 294 -6.16 -28.88 -4.26
C GLU B 294 -7.13 -28.26 -3.27
#